data_3CL1
#
_entry.id   3CL1
#
_cell.length_a   34.202
_cell.length_b   79.594
_cell.length_c   49.984
_cell.angle_alpha   90.00
_cell.angle_beta   99.11
_cell.angle_gamma   90.00
#
_symmetry.space_group_name_H-M   'P 1 21 1'
#
loop_
_entity.id
_entity.type
_entity.pdbx_description
1 polymer 'Mll3241 protein'
2 non-polymer 'CHLORIDE ION'
3 non-polymer 'POTASSIUM ION'
4 non-polymer 'CYCLIC GUANOSINE MONOPHOSPHATE'
5 non-polymer N-PROPANOL
6 water water
#
_entity_poly.entity_id   1
_entity_poly.type   'polypeptide(L)'
_entity_poly.pdbx_seq_one_letter_code
;QEVRRGDFVRNWQLVAAVPLFQKLGPAVLVEIVRALRARTVPAGAVICRIGEPGDRMFFVVEGSVSVATPNPVELGPGAF
FGEMALISGEPRSATVSAATTVSLLSLHSADFQMLCSSSPEIAEIFRKTALERRGAAASA
;
_entity_poly.pdbx_strand_id   A,B
#
loop_
_chem_comp.id
_chem_comp.type
_chem_comp.name
_chem_comp.formula
CL non-polymer 'CHLORIDE ION' 'Cl -1'
K non-polymer 'POTASSIUM ION' 'K 1'
PCG non-polymer 'CYCLIC GUANOSINE MONOPHOSPHATE' 'C10 H12 N5 O7 P'
POL non-polymer N-PROPANOL 'C3 H8 O'
#
# COMPACT_ATOMS: atom_id res chain seq x y z
N ARG A 5 -3.87 -5.94 -10.52
CA ARG A 5 -4.34 -5.26 -9.28
C ARG A 5 -4.03 -6.10 -8.04
N GLY A 6 -4.29 -7.41 -8.15
CA GLY A 6 -4.13 -8.33 -7.03
C GLY A 6 -2.72 -8.38 -6.51
N ASP A 7 -1.77 -8.56 -7.43
CA ASP A 7 -0.35 -8.57 -7.09
C ASP A 7 0.14 -7.22 -6.58
N PHE A 8 -0.39 -6.16 -7.16
CA PHE A 8 -0.04 -4.78 -6.79
C PHE A 8 -0.40 -4.44 -5.35
N VAL A 9 -1.65 -4.71 -4.95
CA VAL A 9 -2.11 -4.43 -3.58
C VAL A 9 -1.52 -5.39 -2.55
N ARG A 10 -1.17 -6.59 -3.00
CA ARG A 10 -0.51 -7.54 -2.13
C ARG A 10 0.90 -7.07 -1.81
N ASN A 11 1.59 -6.45 -2.79
CA ASN A 11 2.95 -6.00 -2.57
C ASN A 11 3.09 -4.91 -1.52
N TRP A 12 2.06 -4.07 -1.36
CA TRP A 12 2.09 -2.98 -0.38
C TRP A 12 2.21 -3.49 1.04
N GLN A 13 1.44 -4.53 1.34
CA GLN A 13 1.50 -5.17 2.65
C GLN A 13 2.80 -5.95 2.86
N LEU A 14 3.44 -6.39 1.77
CA LEU A 14 4.68 -7.17 1.83
C LEU A 14 5.91 -6.27 1.91
N VAL A 15 5.84 -5.14 1.22
CA VAL A 15 6.87 -4.09 1.25
C VAL A 15 7.01 -3.45 2.65
N ALA A 16 5.92 -3.47 3.45
CA ALA A 16 5.95 -2.95 4.81
C ALA A 16 6.97 -3.68 5.65
N ALA A 17 7.17 -4.97 5.35
CA ALA A 17 8.08 -5.87 6.10
C ALA A 17 9.54 -5.67 5.77
N VAL A 18 9.84 -4.87 4.74
CA VAL A 18 11.21 -4.58 4.35
C VAL A 18 11.53 -3.12 4.62
N PRO A 19 12.07 -2.81 5.82
CA PRO A 19 12.32 -1.44 6.25
C PRO A 19 13.23 -0.62 5.32
N LEU A 20 14.11 -1.27 4.59
CA LEU A 20 14.91 -0.59 3.56
C LEU A 20 14.07 0.38 2.71
N PHE A 21 12.86 -0.03 2.33
CA PHE A 21 12.03 0.75 1.43
C PHE A 21 11.38 1.97 2.07
N GLN A 22 11.60 2.16 3.38
CA GLN A 22 11.16 3.36 4.10
C GLN A 22 11.96 4.59 3.65
N LYS A 23 13.09 4.36 3.00
CA LYS A 23 13.92 5.40 2.43
C LYS A 23 13.35 5.97 1.12
N LEU A 24 12.27 5.37 0.64
CA LEU A 24 11.70 5.72 -0.66
C LEU A 24 10.48 6.62 -0.53
N GLY A 25 10.45 7.68 -1.35
CA GLY A 25 9.28 8.54 -1.48
C GLY A 25 8.25 7.82 -2.30
N PRO A 26 7.00 8.29 -2.26
CA PRO A 26 5.83 7.70 -2.92
C PRO A 26 5.98 7.32 -4.40
N ALA A 27 6.57 8.20 -5.22
CA ALA A 27 6.68 7.93 -6.65
C ALA A 27 7.63 6.77 -6.96
N VAL A 28 8.74 6.69 -6.26
CA VAL A 28 9.67 5.57 -6.44
C VAL A 28 9.12 4.31 -5.79
N LEU A 29 8.55 4.44 -4.59
CA LEU A 29 7.83 3.33 -3.97
C LEU A 29 6.90 2.63 -4.97
N VAL A 30 6.15 3.44 -5.71
CA VAL A 30 5.15 2.91 -6.62
C VAL A 30 5.77 2.07 -7.73
N GLU A 31 6.80 2.62 -8.40
CA GLU A 31 7.55 1.93 -9.45
C GLU A 31 8.07 0.56 -8.96
N ILE A 32 8.58 0.56 -7.73
CA ILE A 32 9.12 -0.63 -7.11
C ILE A 32 8.04 -1.64 -6.73
N VAL A 33 6.94 -1.18 -6.14
CA VAL A 33 5.80 -2.07 -5.85
C VAL A 33 5.29 -2.68 -7.16
N ARG A 34 5.30 -1.88 -8.22
CA ARG A 34 4.96 -2.35 -9.58
C ARG A 34 5.95 -3.38 -10.08
N ALA A 35 7.21 -3.19 -9.75
CA ALA A 35 8.29 -4.02 -10.25
C ALA A 35 8.55 -5.30 -9.43
N LEU A 36 8.25 -5.29 -8.13
CA LEU A 36 8.56 -6.44 -7.29
C LEU A 36 7.66 -7.64 -7.54
N ARG A 37 8.26 -8.83 -7.55
CA ARG A 37 7.54 -10.09 -7.66
C ARG A 37 7.58 -10.83 -6.34
N ALA A 38 6.39 -11.24 -5.86
CA ALA A 38 6.26 -11.97 -4.60
C ALA A 38 6.29 -13.46 -4.87
N ARG A 39 7.07 -14.18 -4.07
CA ARG A 39 7.08 -15.63 -4.10
C ARG A 39 7.16 -16.21 -2.69
N THR A 40 6.47 -17.32 -2.46
CA THR A 40 6.69 -18.12 -1.26
C THR A 40 7.50 -19.36 -1.68
N VAL A 41 8.64 -19.55 -1.01
CA VAL A 41 9.57 -20.66 -1.29
C VAL A 41 9.51 -21.66 -0.15
N PRO A 42 9.25 -22.95 -0.46
CA PRO A 42 9.17 -23.95 0.60
C PRO A 42 10.53 -24.17 1.28
N ALA A 43 10.50 -24.65 2.52
CA ALA A 43 11.72 -24.85 3.30
C ALA A 43 12.66 -25.83 2.61
N GLY A 44 13.94 -25.47 2.55
CA GLY A 44 14.96 -26.31 1.96
C GLY A 44 15.24 -26.05 0.50
N ALA A 45 14.31 -25.39 -0.18
CA ALA A 45 14.44 -25.14 -1.63
C ALA A 45 15.53 -24.11 -1.91
N VAL A 46 16.30 -24.35 -2.97
CA VAL A 46 17.33 -23.45 -3.42
C VAL A 46 16.68 -22.22 -4.09
N ILE A 47 17.05 -21.04 -3.62
CA ILE A 47 16.55 -19.80 -4.22
C ILE A 47 17.55 -19.37 -5.31
N CYS A 48 18.82 -19.44 -4.97
CA CYS A 48 19.86 -19.26 -5.96
C CYS A 48 21.06 -20.14 -5.65
N ARG A 49 21.75 -20.53 -6.71
CA ARG A 49 22.79 -21.53 -6.63
C ARG A 49 24.14 -20.93 -6.96
N ILE A 50 25.14 -21.25 -6.15
CA ILE A 50 26.53 -20.87 -6.39
C ILE A 50 26.96 -21.20 -7.82
N GLY A 51 27.67 -20.27 -8.43
CA GLY A 51 28.24 -20.49 -9.77
C GLY A 51 27.30 -20.18 -10.91
N GLU A 52 26.01 -20.05 -10.62
CA GLU A 52 25.02 -19.72 -11.63
C GLU A 52 24.89 -18.21 -11.85
N PRO A 53 24.43 -17.79 -13.04
CA PRO A 53 24.27 -16.35 -13.30
C PRO A 53 23.10 -15.76 -12.51
N GLY A 54 23.27 -14.50 -12.08
CA GLY A 54 22.22 -13.84 -11.32
C GLY A 54 21.65 -12.66 -12.06
N ASP A 55 20.33 -12.67 -12.27
CA ASP A 55 19.66 -11.56 -12.93
C ASP A 55 18.63 -10.88 -12.02
N ARG A 56 18.59 -11.28 -10.75
CA ARG A 56 17.70 -10.65 -9.77
C ARG A 56 18.22 -10.68 -8.35
N MET A 57 17.64 -9.83 -7.51
CA MET A 57 17.99 -9.81 -6.11
C MET A 57 16.71 -9.97 -5.30
N PHE A 58 16.87 -10.30 -4.02
CA PHE A 58 15.75 -10.72 -3.21
C PHE A 58 15.66 -9.98 -1.88
N PHE A 59 14.43 -9.79 -1.42
CA PHE A 59 14.16 -9.20 -0.12
C PHE A 59 13.33 -10.21 0.63
N VAL A 60 13.70 -10.46 1.89
CA VAL A 60 12.99 -11.42 2.74
C VAL A 60 11.85 -10.67 3.43
N VAL A 61 10.62 -11.18 3.25
CA VAL A 61 9.44 -10.58 3.87
C VAL A 61 9.12 -11.31 5.16
N GLU A 62 9.18 -12.64 5.11
CA GLU A 62 8.75 -13.49 6.20
C GLU A 62 9.52 -14.79 6.05
N GLY A 63 9.89 -15.39 7.18
CA GLY A 63 10.74 -16.57 7.16
C GLY A 63 12.19 -16.15 7.13
N SER A 64 13.07 -17.09 6.83
CA SER A 64 14.48 -16.79 6.73
C SER A 64 15.16 -17.64 5.66
N VAL A 65 16.30 -17.16 5.19
CA VAL A 65 17.07 -17.91 4.20
C VAL A 65 18.42 -18.29 4.79
N SER A 66 19.08 -19.25 4.15
CA SER A 66 20.38 -19.70 4.59
C SER A 66 21.36 -19.50 3.45
N VAL A 67 22.43 -18.75 3.73
CA VAL A 67 23.48 -18.54 2.77
C VAL A 67 24.57 -19.56 3.02
N ALA A 68 24.76 -20.47 2.07
CA ALA A 68 25.71 -21.56 2.21
C ALA A 68 27.16 -21.10 2.04
N THR A 69 27.59 -20.17 2.87
CA THR A 69 29.01 -19.83 2.98
C THR A 69 29.65 -20.92 3.89
N PRO A 70 31.00 -21.02 3.90
CA PRO A 70 31.61 -22.05 4.76
C PRO A 70 31.00 -22.13 6.15
N ASN A 71 30.81 -20.99 6.79
CA ASN A 71 29.91 -20.91 7.93
C ASN A 71 28.63 -20.22 7.47
N PRO A 72 27.51 -20.95 7.48
CA PRO A 72 26.26 -20.47 6.89
C PRO A 72 25.74 -19.20 7.56
N VAL A 73 25.13 -18.34 6.76
CA VAL A 73 24.54 -17.10 7.26
C VAL A 73 23.03 -17.18 7.10
N GLU A 74 22.34 -17.05 8.21
CA GLU A 74 20.88 -16.95 8.17
C GLU A 74 20.40 -15.50 8.04
N LEU A 75 19.61 -15.22 6.99
CA LEU A 75 19.03 -13.89 6.80
C LEU A 75 17.52 -13.86 7.07
N GLY A 76 17.09 -12.92 7.91
CA GLY A 76 15.72 -12.87 8.39
C GLY A 76 14.93 -11.82 7.66
N PRO A 77 13.66 -11.60 8.06
CA PRO A 77 12.79 -10.64 7.36
C PRO A 77 13.42 -9.25 7.29
N GLY A 78 13.29 -8.61 6.15
CA GLY A 78 13.89 -7.32 5.92
C GLY A 78 15.26 -7.42 5.27
N ALA A 79 15.89 -8.57 5.37
CA ALA A 79 17.20 -8.76 4.76
C ALA A 79 17.07 -8.81 3.25
N PHE A 80 18.16 -8.51 2.57
CA PHE A 80 18.22 -8.66 1.13
C PHE A 80 19.45 -9.48 0.75
N PHE A 81 19.36 -10.19 -0.37
CA PHE A 81 20.47 -10.99 -0.87
C PHE A 81 20.44 -11.08 -2.40
N GLY A 82 21.55 -11.47 -3.01
CA GLY A 82 21.66 -11.59 -4.47
C GLY A 82 22.17 -10.34 -5.17
N GLU A 83 22.44 -9.29 -4.39
CA GLU A 83 22.92 -8.01 -4.92
C GLU A 83 24.35 -8.11 -5.49
N MET A 84 25.15 -9.03 -4.94
CA MET A 84 26.54 -9.13 -5.36
C MET A 84 26.71 -9.45 -6.83
N ALA A 85 25.89 -10.38 -7.34
CA ALA A 85 25.91 -10.71 -8.77
C ALA A 85 25.43 -9.56 -9.64
N LEU A 86 24.48 -8.75 -9.13
CA LEU A 86 23.93 -7.64 -9.90
C LEU A 86 24.92 -6.49 -10.01
N ILE A 87 25.66 -6.24 -8.93
CA ILE A 87 26.66 -5.20 -8.90
C ILE A 87 27.92 -5.62 -9.66
N SER A 88 28.43 -6.82 -9.38
CA SER A 88 29.72 -7.22 -9.95
C SER A 88 29.65 -7.88 -11.32
N GLY A 89 28.47 -8.37 -11.70
CA GLY A 89 28.28 -9.13 -12.93
C GLY A 89 28.83 -10.56 -12.89
N GLU A 90 29.31 -10.97 -11.71
CA GLU A 90 29.84 -12.31 -11.50
C GLU A 90 28.73 -13.32 -11.18
N PRO A 91 29.01 -14.64 -11.25
CA PRO A 91 28.00 -15.64 -10.88
C PRO A 91 27.72 -15.61 -9.38
N ARG A 92 26.60 -16.18 -8.94
CA ARG A 92 26.28 -16.27 -7.52
C ARG A 92 27.49 -16.78 -6.75
N SER A 93 27.84 -16.10 -5.65
CA SER A 93 29.01 -16.45 -4.85
C SER A 93 28.69 -17.54 -3.84
N ALA A 94 27.39 -17.78 -3.62
CA ALA A 94 26.92 -18.73 -2.64
C ALA A 94 25.52 -19.22 -2.98
N THR A 95 25.19 -20.42 -2.54
CA THR A 95 23.85 -20.94 -2.61
C THR A 95 23.04 -20.37 -1.45
N VAL A 96 21.83 -19.94 -1.76
CA VAL A 96 20.91 -19.45 -0.75
C VAL A 96 19.68 -20.36 -0.85
N SER A 97 19.30 -20.94 0.28
CA SER A 97 18.11 -21.80 0.39
C SER A 97 17.12 -21.23 1.40
N ALA A 98 15.87 -21.64 1.31
CA ALA A 98 14.89 -21.29 2.32
C ALA A 98 15.21 -22.11 3.57
N ALA A 99 15.49 -21.43 4.67
CA ALA A 99 15.76 -22.15 5.92
C ALA A 99 14.45 -22.64 6.51
N THR A 100 13.45 -21.75 6.47
CA THR A 100 12.06 -22.08 6.73
C THR A 100 11.30 -21.76 5.44
N THR A 101 10.01 -22.09 5.38
CA THR A 101 9.18 -21.55 4.31
C THR A 101 9.39 -20.04 4.35
N VAL A 102 9.64 -19.47 3.17
CA VAL A 102 10.07 -18.09 3.07
C VAL A 102 9.23 -17.31 2.07
N SER A 103 8.76 -16.15 2.49
CA SER A 103 8.08 -15.20 1.61
C SER A 103 9.12 -14.18 1.12
N LEU A 104 9.33 -14.13 -0.18
CA LEU A 104 10.33 -13.27 -0.81
C LEU A 104 9.69 -12.26 -1.72
N LEU A 105 10.42 -11.16 -1.91
CA LEU A 105 10.16 -10.21 -2.96
C LEU A 105 11.41 -10.19 -3.81
N SER A 106 11.26 -10.30 -5.13
CA SER A 106 12.43 -10.25 -6.02
C SER A 106 12.40 -9.08 -7.00
N LEU A 107 13.60 -8.63 -7.36
CA LEU A 107 13.79 -7.52 -8.26
C LEU A 107 14.72 -7.95 -9.41
N HIS A 108 14.21 -7.93 -10.65
CA HIS A 108 15.07 -8.18 -11.83
C HIS A 108 16.14 -7.12 -12.02
N SER A 109 17.13 -7.45 -12.83
CA SER A 109 18.30 -6.61 -13.05
C SER A 109 17.96 -5.15 -13.38
N ALA A 110 17.08 -4.95 -14.36
CA ALA A 110 16.72 -3.63 -14.84
C ALA A 110 16.05 -2.79 -13.77
N ASP A 111 15.17 -3.40 -12.99
CA ASP A 111 14.48 -2.70 -11.91
C ASP A 111 15.36 -2.50 -10.68
N PHE A 112 16.39 -3.33 -10.55
CA PHE A 112 17.44 -3.11 -9.56
C PHE A 112 18.27 -1.87 -9.95
N GLN A 113 18.65 -1.79 -11.22
CA GLN A 113 19.31 -0.59 -11.78
C GLN A 113 18.43 0.64 -11.57
N MET A 114 17.14 0.45 -11.73
CA MET A 114 16.20 1.53 -11.53
C MET A 114 16.14 1.93 -10.06
N LEU A 115 16.08 0.94 -9.17
CA LEU A 115 16.02 1.22 -7.75
C LEU A 115 17.28 1.94 -7.27
N CYS A 116 18.42 1.52 -7.80
CA CYS A 116 19.73 2.09 -7.45
C CYS A 116 19.93 3.53 -7.91
N SER A 117 19.52 3.86 -9.12
CA SER A 117 19.69 5.24 -9.57
C SER A 117 18.57 6.13 -9.05
N SER A 118 17.43 5.52 -8.71
CA SER A 118 16.31 6.26 -8.13
C SER A 118 16.52 6.49 -6.64
N SER A 119 17.21 5.55 -5.98
CA SER A 119 17.62 5.75 -4.59
C SER A 119 19.11 5.53 -4.39
N PRO A 120 19.92 6.58 -4.60
CA PRO A 120 21.39 6.57 -4.33
C PRO A 120 21.75 6.13 -2.90
N GLU A 121 20.93 6.50 -1.93
CA GLU A 121 21.08 6.05 -0.53
C GLU A 121 21.00 4.51 -0.42
N ILE A 122 20.02 3.93 -1.10
CA ILE A 122 19.83 2.49 -1.13
C ILE A 122 20.89 1.79 -2.00
N ALA A 123 21.25 2.39 -3.12
CA ALA A 123 22.34 1.88 -3.96
C ALA A 123 23.64 1.75 -3.15
N GLU A 124 23.87 2.73 -2.28
CA GLU A 124 25.03 2.78 -1.39
C GLU A 124 25.01 1.67 -0.33
N ILE A 125 23.84 1.47 0.29
CA ILE A 125 23.63 0.38 1.23
C ILE A 125 23.89 -0.98 0.56
N PHE A 126 23.33 -1.19 -0.64
CA PHE A 126 23.62 -2.39 -1.42
C PHE A 126 25.12 -2.55 -1.69
N ARG A 127 25.74 -1.48 -2.16
CA ARG A 127 27.17 -1.39 -2.47
C ARG A 127 28.05 -1.81 -1.29
N LYS A 128 27.89 -1.13 -0.16
CA LYS A 128 28.70 -1.36 1.04
C LYS A 128 28.27 -2.61 1.82
N THR A 129 27.20 -3.18 1.69
CA THR A 129 26.85 -4.48 2.23
C THR A 129 27.46 -5.59 1.39
N ALA A 130 27.47 -5.40 0.07
CA ALA A 130 28.10 -6.33 -0.84
C ALA A 130 29.60 -6.46 -0.59
N LEU A 131 30.25 -5.34 -0.26
CA LEU A 131 31.68 -5.32 0.04
C LEU A 131 31.96 -6.00 1.38
N GLU A 132 31.09 -5.77 2.35
CA GLU A 132 31.15 -6.45 3.64
C GLU A 132 31.05 -7.98 3.44
N ARG A 133 30.09 -8.41 2.63
CA ARG A 133 29.84 -9.82 2.36
C ARG A 133 30.97 -10.49 1.58
N ARG A 134 31.52 -9.78 0.60
CA ARG A 134 32.64 -10.28 -0.20
C ARG A 134 33.91 -10.41 0.65
N ARG B 4 3.91 13.66 1.67
CA ARG B 4 4.00 13.00 2.98
C ARG B 4 3.97 11.47 2.82
N ARG B 5 5.12 10.87 3.02
CA ARG B 5 5.34 9.44 2.74
C ARG B 5 4.65 8.52 3.73
N GLY B 6 4.60 8.92 5.01
CA GLY B 6 4.10 8.15 6.10
C GLY B 6 2.61 7.99 5.84
N ASP B 7 1.99 9.11 5.47
CA ASP B 7 0.55 9.17 5.16
C ASP B 7 0.18 8.32 3.96
N PHE B 8 1.07 8.33 2.97
CA PHE B 8 0.89 7.55 1.74
C PHE B 8 0.93 6.04 1.99
N VAL B 9 1.97 5.53 2.67
CA VAL B 9 2.05 4.08 2.91
C VAL B 9 0.97 3.58 3.87
N ARG B 10 0.54 4.43 4.80
CA ARG B 10 -0.52 4.06 5.75
C ARG B 10 -1.85 3.95 5.03
N ASN B 11 -2.00 4.75 3.98
CA ASN B 11 -3.26 4.78 3.26
C ASN B 11 -3.64 3.48 2.58
N TRP B 12 -2.65 2.64 2.26
CA TRP B 12 -2.91 1.38 1.56
C TRP B 12 -3.69 0.37 2.39
N GLN B 13 -3.33 0.22 3.67
CA GLN B 13 -4.06 -0.68 4.57
C GLN B 13 -5.45 -0.12 4.88
N LEU B 14 -5.54 1.20 5.02
CA LEU B 14 -6.82 1.86 5.24
C LEU B 14 -7.75 1.74 4.03
N VAL B 15 -7.21 2.00 2.84
CA VAL B 15 -7.94 1.81 1.58
C VAL B 15 -8.45 0.37 1.42
N ALA B 16 -7.66 -0.61 1.90
CA ALA B 16 -8.05 -2.03 1.88
C ALA B 16 -9.34 -2.30 2.64
N ALA B 17 -9.63 -1.45 3.60
CA ALA B 17 -10.83 -1.54 4.42
C ALA B 17 -12.11 -1.13 3.69
N VAL B 18 -11.98 -0.51 2.52
CA VAL B 18 -13.12 0.03 1.81
C VAL B 18 -13.33 -0.77 0.55
N PRO B 19 -14.24 -1.76 0.57
CA PRO B 19 -14.40 -2.68 -0.55
C PRO B 19 -14.65 -2.00 -1.88
N LEU B 20 -15.37 -0.87 -1.88
CA LEU B 20 -15.58 -0.04 -3.08
C LEU B 20 -14.33 0.15 -3.96
N PHE B 21 -13.16 0.31 -3.33
CA PHE B 21 -11.94 0.59 -4.09
C PHE B 21 -11.36 -0.68 -4.74
N GLN B 22 -12.00 -1.82 -4.53
CA GLN B 22 -11.64 -3.08 -5.19
C GLN B 22 -11.91 -2.97 -6.68
N LYS B 23 -12.55 -1.87 -7.07
CA LYS B 23 -13.02 -1.64 -8.43
C LYS B 23 -12.05 -0.74 -9.17
N LEU B 24 -10.89 -0.50 -8.56
CA LEU B 24 -9.91 0.41 -9.13
C LEU B 24 -8.63 -0.32 -9.51
N GLY B 25 -8.13 -0.04 -10.71
CA GLY B 25 -6.82 -0.54 -11.10
C GLY B 25 -5.70 0.18 -10.36
N PRO B 26 -4.46 -0.31 -10.52
CA PRO B 26 -3.28 0.22 -9.84
C PRO B 26 -3.08 1.74 -9.94
N ALA B 27 -3.20 2.30 -11.13
CA ALA B 27 -2.99 3.73 -11.38
C ALA B 27 -3.98 4.63 -10.64
N VAL B 28 -5.26 4.26 -10.72
CA VAL B 28 -6.33 4.99 -10.03
C VAL B 28 -6.26 4.81 -8.52
N LEU B 29 -5.85 3.61 -8.08
CA LEU B 29 -5.54 3.36 -6.67
C LEU B 29 -4.47 4.32 -6.15
N VAL B 30 -3.39 4.50 -6.91
CA VAL B 30 -2.34 5.42 -6.49
C VAL B 30 -2.90 6.84 -6.37
N GLU B 31 -3.68 7.27 -7.35
CA GLU B 31 -4.29 8.59 -7.33
C GLU B 31 -5.09 8.82 -6.04
N ILE B 32 -6.04 7.92 -5.75
CA ILE B 32 -6.85 8.06 -4.55
C ILE B 32 -6.06 7.85 -3.25
N VAL B 33 -5.04 7.01 -3.28
CA VAL B 33 -4.20 6.82 -2.08
C VAL B 33 -3.37 8.08 -1.83
N ARG B 34 -3.09 8.83 -2.89
CA ARG B 34 -2.47 10.15 -2.77
C ARG B 34 -3.44 11.21 -2.28
N ALA B 35 -4.70 11.12 -2.73
CA ALA B 35 -5.70 12.15 -2.46
C ALA B 35 -6.32 12.06 -1.06
N LEU B 36 -6.55 10.84 -0.60
CA LEU B 36 -7.26 10.58 0.65
C LEU B 36 -6.47 11.01 1.87
N ARG B 37 -7.15 11.69 2.77
CA ARG B 37 -6.60 12.02 4.08
C ARG B 37 -7.22 11.14 5.17
N ALA B 38 -6.36 10.56 6.00
CA ALA B 38 -6.78 9.73 7.10
C ALA B 38 -7.04 10.58 8.34
N ARG B 39 -8.17 10.34 9.00
CA ARG B 39 -8.39 10.94 10.30
C ARG B 39 -9.13 10.03 11.26
N THR B 40 -8.84 10.22 12.54
CA THR B 40 -9.53 9.52 13.59
C THR B 40 -10.43 10.50 14.33
N VAL B 41 -11.67 10.09 14.53
CA VAL B 41 -12.68 10.93 15.16
C VAL B 41 -13.17 10.25 16.43
N PRO B 42 -13.04 10.94 17.60
CA PRO B 42 -13.46 10.36 18.87
C PRO B 42 -14.99 10.15 18.92
N ALA B 43 -15.43 9.18 19.72
CA ALA B 43 -16.84 8.85 19.84
C ALA B 43 -17.70 10.06 20.18
N GLY B 44 -18.81 10.23 19.47
CA GLY B 44 -19.74 11.31 19.72
C GLY B 44 -19.51 12.56 18.91
N ALA B 45 -18.26 12.73 18.43
CA ALA B 45 -17.83 13.95 17.74
C ALA B 45 -18.51 14.12 16.40
N VAL B 46 -18.92 15.34 16.09
CA VAL B 46 -19.55 15.66 14.81
C VAL B 46 -18.49 15.60 13.71
N ILE B 47 -18.78 14.86 12.64
CA ILE B 47 -17.88 14.82 11.49
C ILE B 47 -18.36 15.85 10.50
N CYS B 48 -19.67 15.90 10.30
CA CYS B 48 -20.28 16.96 9.50
C CYS B 48 -21.66 17.31 10.06
N ARG B 49 -22.03 18.57 9.93
CA ARG B 49 -23.20 19.14 10.58
C ARG B 49 -24.24 19.56 9.55
N ILE B 50 -25.50 19.23 9.81
CA ILE B 50 -26.62 19.60 8.94
C ILE B 50 -26.59 21.11 8.66
N GLY B 51 -26.87 21.47 7.41
CA GLY B 51 -27.03 22.86 7.01
C GLY B 51 -25.74 23.55 6.66
N GLU B 52 -24.61 22.89 6.95
CA GLU B 52 -23.30 23.43 6.65
C GLU B 52 -22.84 23.03 5.25
N PRO B 53 -21.92 23.82 4.65
CA PRO B 53 -21.38 23.45 3.32
C PRO B 53 -20.46 22.24 3.38
N GLY B 54 -20.52 21.41 2.35
CA GLY B 54 -19.69 20.21 2.29
C GLY B 54 -18.72 20.24 1.12
N ASP B 55 -17.43 20.17 1.42
CA ASP B 55 -16.39 20.17 0.38
C ASP B 55 -15.63 18.83 0.30
N ARG B 56 -16.08 17.84 1.07
CA ARG B 56 -15.45 16.53 1.09
C ARG B 56 -16.42 15.40 1.43
N MET B 57 -16.03 14.18 1.09
CA MET B 57 -16.82 13.02 1.44
C MET B 57 -15.94 12.05 2.22
N PHE B 58 -16.58 11.08 2.88
CA PHE B 58 -15.88 10.25 3.83
C PHE B 58 -16.09 8.76 3.58
N PHE B 59 -15.08 7.98 3.92
CA PHE B 59 -15.15 6.51 3.88
C PHE B 59 -14.80 6.04 5.28
N VAL B 60 -15.60 5.11 5.79
CA VAL B 60 -15.40 4.54 7.12
C VAL B 60 -14.44 3.36 6.97
N VAL B 61 -13.34 3.41 7.72
CA VAL B 61 -12.34 2.36 7.71
C VAL B 61 -12.61 1.39 8.86
N GLU B 62 -12.79 1.94 10.05
CA GLU B 62 -12.97 1.19 11.28
C GLU B 62 -13.88 2.00 12.15
N GLY B 63 -14.71 1.32 12.93
CA GLY B 63 -15.72 1.99 13.79
C GLY B 63 -16.99 2.21 13.00
N SER B 64 -17.89 3.05 13.52
CA SER B 64 -19.09 3.39 12.79
C SER B 64 -19.55 4.82 13.06
N VAL B 65 -20.33 5.36 12.12
CA VAL B 65 -20.86 6.69 12.25
C VAL B 65 -22.38 6.64 12.36
N SER B 66 -22.94 7.75 12.84
CA SER B 66 -24.37 7.89 13.00
C SER B 66 -24.85 9.09 12.22
N VAL B 67 -25.73 8.83 11.26
CA VAL B 67 -26.38 9.86 10.49
C VAL B 67 -27.67 10.24 11.22
N ALA B 68 -27.74 11.48 11.68
CA ALA B 68 -28.87 11.95 12.47
C ALA B 68 -30.09 12.31 11.61
N THR B 69 -30.55 11.34 10.81
CA THR B 69 -31.83 11.44 10.14
C THR B 69 -32.90 11.20 11.21
N PRO B 70 -34.18 11.55 10.94
CA PRO B 70 -35.22 11.30 11.95
C PRO B 70 -35.11 9.90 12.58
N ASN B 71 -34.85 8.89 11.74
CA ASN B 71 -34.47 7.57 12.20
C ASN B 71 -32.97 7.44 11.91
N PRO B 72 -32.14 7.43 12.97
CA PRO B 72 -30.69 7.46 12.74
C PRO B 72 -30.22 6.29 11.88
N VAL B 73 -29.20 6.55 11.06
CA VAL B 73 -28.61 5.52 10.23
C VAL B 73 -27.18 5.28 10.70
N GLU B 74 -26.88 4.04 11.07
CA GLU B 74 -25.52 3.66 11.41
C GLU B 74 -24.76 3.23 10.15
N LEU B 75 -23.57 3.77 9.96
CA LEU B 75 -22.73 3.32 8.86
C LEU B 75 -21.44 2.71 9.38
N GLY B 76 -21.23 1.43 9.08
CA GLY B 76 -20.02 0.71 9.48
C GLY B 76 -18.88 0.80 8.50
N PRO B 77 -17.82 0.01 8.74
CA PRO B 77 -16.60 0.06 7.92
C PRO B 77 -16.87 -0.25 6.45
N GLY B 78 -16.25 0.51 5.54
CA GLY B 78 -16.48 0.36 4.12
C GLY B 78 -17.55 1.29 3.59
N ALA B 79 -18.40 1.77 4.49
CA ALA B 79 -19.49 2.66 4.10
C ALA B 79 -18.91 4.02 3.80
N PHE B 80 -19.63 4.79 2.98
CA PHE B 80 -19.23 6.15 2.65
C PHE B 80 -20.39 7.12 2.94
N PHE B 81 -20.07 8.37 3.23
CA PHE B 81 -21.10 9.40 3.43
C PHE B 81 -20.54 10.76 3.02
N GLY B 82 -21.44 11.73 2.84
CA GLY B 82 -21.02 13.08 2.48
C GLY B 82 -21.07 13.37 0.98
N GLU B 83 -21.42 12.35 0.20
CA GLU B 83 -21.44 12.43 -1.26
C GLU B 83 -22.60 13.30 -1.77
N MET B 84 -23.67 13.40 -1.01
CA MET B 84 -24.84 14.18 -1.42
C MET B 84 -24.55 15.65 -1.63
N ALA B 85 -23.78 16.25 -0.72
CA ALA B 85 -23.37 17.66 -0.86
C ALA B 85 -22.40 17.88 -2.01
N LEU B 86 -21.59 16.86 -2.31
CA LEU B 86 -20.63 16.95 -3.40
C LEU B 86 -21.31 16.88 -4.74
N ILE B 87 -22.33 16.03 -4.83
CA ILE B 87 -23.05 15.85 -6.07
C ILE B 87 -24.02 17.02 -6.33
N SER B 88 -24.83 17.37 -5.33
CA SER B 88 -25.90 18.33 -5.52
C SER B 88 -25.47 19.78 -5.30
N GLY B 89 -24.37 19.98 -4.59
CA GLY B 89 -23.89 21.32 -4.23
C GLY B 89 -24.67 21.95 -3.09
N GLU B 90 -25.56 21.18 -2.49
CA GLU B 90 -26.40 21.64 -1.37
C GLU B 90 -25.67 21.49 -0.04
N PRO B 91 -26.14 22.16 1.03
CA PRO B 91 -25.54 21.94 2.34
C PRO B 91 -25.79 20.52 2.85
N ARG B 92 -25.00 20.06 3.82
CA ARG B 92 -25.22 18.74 4.43
C ARG B 92 -26.69 18.55 4.79
N SER B 93 -27.26 17.41 4.38
CA SER B 93 -28.65 17.10 4.66
C SER B 93 -28.85 16.56 6.08
N ALA B 94 -27.76 16.20 6.73
CA ALA B 94 -27.83 15.53 8.03
C ALA B 94 -26.52 15.67 8.77
N THR B 95 -26.60 15.63 10.09
CA THR B 95 -25.40 15.57 10.92
C THR B 95 -24.93 14.13 10.99
N VAL B 96 -23.62 13.96 10.87
CA VAL B 96 -22.98 12.66 10.99
C VAL B 96 -21.96 12.77 12.10
N SER B 97 -22.08 11.87 13.09
CA SER B 97 -21.18 11.86 14.23
C SER B 97 -20.53 10.48 14.34
N ALA B 98 -19.37 10.43 14.99
CA ALA B 98 -18.76 9.16 15.32
C ALA B 98 -19.64 8.47 16.36
N ALA B 99 -20.07 7.24 16.07
CA ALA B 99 -20.92 6.53 17.02
C ALA B 99 -19.96 5.90 18.02
N THR B 100 -18.93 5.26 17.50
CA THR B 100 -17.76 4.84 18.28
C THR B 100 -16.60 5.70 17.82
N THR B 101 -15.45 5.58 18.46
CA THR B 101 -14.24 6.13 17.85
C THR B 101 -14.14 5.57 16.42
N VAL B 102 -13.91 6.47 15.48
CA VAL B 102 -14.01 6.11 14.09
C VAL B 102 -12.75 6.46 13.33
N SER B 103 -12.30 5.52 12.50
CA SER B 103 -11.19 5.77 11.59
C SER B 103 -11.78 6.07 10.22
N LEU B 104 -11.46 7.25 9.70
CA LEU B 104 -12.05 7.75 8.46
C LEU B 104 -11.00 8.05 7.43
N LEU B 105 -11.42 7.99 6.17
CA LEU B 105 -10.65 8.49 5.06
C LEU B 105 -11.54 9.54 4.44
N SER B 106 -10.99 10.73 4.16
CA SER B 106 -11.78 11.74 3.49
C SER B 106 -11.26 12.14 2.13
N LEU B 107 -12.18 12.57 1.27
CA LEU B 107 -11.86 12.94 -0.10
C LEU B 107 -12.39 14.32 -0.41
N HIS B 108 -11.47 15.26 -0.64
CA HIS B 108 -11.86 16.60 -1.08
C HIS B 108 -12.54 16.54 -2.44
N SER B 109 -13.32 17.57 -2.70
CA SER B 109 -14.13 17.71 -3.90
C SER B 109 -13.44 17.50 -5.26
N ALA B 110 -12.29 18.13 -5.47
CA ALA B 110 -11.53 17.98 -6.74
C ALA B 110 -11.14 16.52 -7.02
N ASP B 111 -10.58 15.88 -6.00
CA ASP B 111 -10.20 14.46 -6.04
C ASP B 111 -11.38 13.52 -6.20
N PHE B 112 -12.50 13.88 -5.57
CA PHE B 112 -13.77 13.17 -5.76
C PHE B 112 -14.20 13.15 -7.24
N GLN B 113 -14.18 14.30 -7.90
CA GLN B 113 -14.54 14.39 -9.33
C GLN B 113 -13.55 13.64 -10.21
N MET B 114 -12.28 13.68 -9.82
CA MET B 114 -11.24 12.90 -10.50
C MET B 114 -11.46 11.40 -10.39
N LEU B 115 -11.87 10.93 -9.21
CA LEU B 115 -12.24 9.53 -9.03
C LEU B 115 -13.46 9.18 -9.87
N CYS B 116 -14.40 10.11 -9.97
CA CYS B 116 -15.61 9.90 -10.77
C CYS B 116 -15.34 9.75 -12.25
N SER B 117 -14.45 10.55 -12.80
CA SER B 117 -14.05 10.37 -14.21
C SER B 117 -13.11 9.19 -14.39
N SER B 118 -12.25 8.94 -13.39
CA SER B 118 -11.33 7.80 -13.42
C SER B 118 -12.04 6.46 -13.32
N SER B 119 -13.14 6.43 -12.58
CA SER B 119 -14.01 5.24 -12.49
C SER B 119 -15.49 5.61 -12.66
N PRO B 120 -16.05 5.37 -13.86
CA PRO B 120 -17.48 5.60 -14.11
C PRO B 120 -18.40 4.66 -13.33
N GLU B 121 -17.90 3.48 -12.98
CA GLU B 121 -18.64 2.53 -12.14
C GLU B 121 -18.85 3.09 -10.73
N ILE B 122 -17.78 3.61 -10.15
CA ILE B 122 -17.86 4.24 -8.83
C ILE B 122 -18.67 5.55 -8.85
N ALA B 123 -18.51 6.33 -9.91
CA ALA B 123 -19.36 7.50 -10.14
C ALA B 123 -20.86 7.14 -10.04
N GLU B 124 -21.22 6.03 -10.69
CA GLU B 124 -22.58 5.49 -10.70
C GLU B 124 -23.08 5.08 -9.32
N ILE B 125 -22.19 4.46 -8.54
CA ILE B 125 -22.53 4.00 -7.20
C ILE B 125 -22.82 5.17 -6.27
N PHE B 126 -21.98 6.21 -6.34
CA PHE B 126 -22.17 7.44 -5.56
C PHE B 126 -23.48 8.10 -5.96
N ARG B 127 -23.72 8.10 -7.27
CA ARG B 127 -24.90 8.69 -7.89
C ARG B 127 -26.18 8.05 -7.37
N LYS B 128 -26.28 6.72 -7.51
CA LYS B 128 -27.47 5.98 -7.11
C LYS B 128 -27.64 5.98 -5.59
N THR B 129 -26.52 5.82 -4.87
CA THR B 129 -26.55 5.86 -3.41
C THR B 129 -27.06 7.21 -2.88
N ALA B 130 -26.55 8.32 -3.43
CA ALA B 130 -27.07 9.64 -3.09
C ALA B 130 -28.56 9.79 -3.43
N LEU B 131 -29.01 9.17 -4.52
CA LEU B 131 -30.44 9.20 -4.88
C LEU B 131 -31.30 8.43 -3.86
N GLU B 132 -30.88 7.22 -3.51
CA GLU B 132 -31.55 6.45 -2.46
C GLU B 132 -31.62 7.21 -1.13
N ARG B 133 -30.55 7.92 -0.78
CA ARG B 133 -30.46 8.57 0.53
C ARG B 133 -31.27 9.86 0.65
N ARG B 134 -31.35 10.64 -0.44
CA ARG B 134 -32.14 11.88 -0.42
C ARG B 134 -33.63 11.61 -0.33
CL CL C . 20.52 -7.21 4.35
CL CL D . 25.69 -9.22 5.65
K K E . 11.29 -6.61 -11.33
PA PCG F . 25.16 -13.26 -4.86
O1A PCG F . 26.64 -13.54 -4.95
O2A PCG F . 24.47 -12.67 -6.07
O5' PCG F . 24.38 -14.64 -4.47
C5' PCG F . 24.51 -15.24 -3.18
C4' PCG F . 24.18 -14.15 -2.17
O4' PCG F . 24.33 -14.47 -0.79
C3' PCG F . 25.07 -12.92 -2.32
O3' PCG F . 24.83 -12.32 -3.58
C2' PCG F . 24.68 -12.13 -1.08
O2' PCG F . 23.58 -11.26 -1.37
C1' PCG F . 24.25 -13.22 -0.10
N9 PCG F . 25.18 -13.24 1.05
C8 PCG F . 24.87 -12.98 2.32
N7 PCG F . 25.96 -13.08 3.12
C5 PCG F . 27.00 -13.41 2.35
C6 PCG F . 28.44 -13.67 2.55
O6 PCG F . 28.94 -13.59 3.69
N1 PCG F . 29.18 -13.99 1.47
C2 PCG F . 28.65 -14.08 0.23
N2 PCG F . 29.43 -14.41 -0.81
N3 PCG F . 27.34 -13.85 -0.02
C4 PCG F . 26.49 -13.52 0.98
K K G . -13.90 -3.15 6.04
K K H . -29.19 15.92 11.23
PA PCG I . -24.47 14.93 2.97
O1A PCG I . -25.76 15.66 2.70
O2A PCG I . -23.18 15.39 2.33
O5' PCG I . -24.24 14.89 4.58
C5' PCG I . -24.89 13.96 5.46
C4' PCG I . -24.65 12.57 4.85
O4' PCG I . -25.20 11.44 5.54
C3' PCG I . -25.35 12.53 3.51
O3' PCG I . -24.68 13.38 2.58
C2' PCG I . -25.30 11.06 3.18
O2' PCG I . -24.11 10.73 2.46
C1' PCG I . -25.30 10.40 4.56
N9 PCG I . -26.54 9.58 4.68
C8 PCG I . -26.60 8.25 4.88
N7 PCG I . -27.87 7.79 4.93
C5 PCG I . -28.66 8.87 4.74
C6 PCG I . -30.12 9.14 4.66
O6 PCG I . -30.94 8.21 4.78
N1 PCG I . -30.53 10.39 4.44
C2 PCG I . -29.68 11.43 4.30
N2 PCG I . -30.21 12.68 4.10
N3 PCG I . -28.34 11.27 4.37
C4 PCG I . -27.79 10.05 4.57
O POL J . -29.86 17.23 14.03
C1 POL J . -29.13 18.41 14.40
C2 POL J . -27.68 18.02 14.73
C3 POL J . -26.67 19.12 14.46
#